data_2P0K
#
_entry.id   2P0K
#
_cell.length_a   95.735
_cell.length_b   95.735
_cell.length_c   43.602
_cell.angle_alpha   90.00
_cell.angle_beta   90.00
_cell.angle_gamma   120.00
#
_symmetry.space_group_name_H-M   'P 63'
#
loop_
_entity.id
_entity.type
_entity.pdbx_description
1 polymer 'Polycomb protein SCMH1'
2 non-polymer 'CHLORIDE ION'
3 non-polymer 'PHOSPHATE ION'
4 water water
#
_entity_poly.entity_id   1
_entity_poly.type   'polypeptide(L)'
_entity_poly.pdbx_seq_one_letter_code
;HFTWDKYLKETCSVPAPVHCFKQSYTPPSNEFKISMKLEAQDPRNTTSTCIATVVGLTGARLRLRLDGSDNKNDFWRLVD
SAEIQPIGNCEKNGGMLQPPLGFRLNASSWPMFLLKTLNGAEMAPIRIFHKEPPSPSHNFFKMGMKLEAVDRKNPHFICP
ATIGEVRGSEVLVTFDGWRGAFDYWCRFDSRDIFPVGWCSLTGDNLQPPGTK
;
_entity_poly.pdbx_strand_id   A
#
# COMPACT_ATOMS: atom_id res chain seq x y z
N HIS A 1 6.34 -9.26 24.48
CA HIS A 1 5.54 -8.69 23.35
C HIS A 1 6.14 -7.34 22.93
N PHE A 2 6.33 -7.16 21.62
CA PHE A 2 6.85 -5.89 21.09
C PHE A 2 5.92 -4.72 21.43
N THR A 3 6.53 -3.64 21.90
CA THR A 3 5.83 -2.37 22.15
C THR A 3 6.74 -1.27 21.62
N TRP A 4 6.20 -0.33 20.83
CA TRP A 4 7.03 0.79 20.38
C TRP A 4 7.63 1.57 21.57
N ASP A 5 6.85 1.75 22.64
CA ASP A 5 7.29 2.51 23.82
C ASP A 5 8.58 1.91 24.38
N LYS A 6 8.58 0.59 24.62
CA LYS A 6 9.76 -0.07 25.16
C LYS A 6 10.89 -0.09 24.13
N TYR A 7 10.53 -0.32 22.88
CA TYR A 7 11.53 -0.41 21.81
C TYR A 7 12.31 0.88 21.64
N LEU A 8 11.59 2.02 21.64
CA LEU A 8 12.23 3.33 21.49
C LEU A 8 13.14 3.63 22.69
N LYS A 9 12.67 3.25 23.87
CA LYS A 9 13.48 3.38 25.08
C LYS A 9 14.77 2.57 24.97
N GLU A 10 14.62 1.28 24.64
CA GLU A 10 15.75 0.34 24.54
C GLU A 10 16.76 0.76 23.51
N THR A 11 16.29 1.27 22.37
CA THR A 11 17.16 1.63 21.25
C THR A 11 17.57 3.10 21.29
N CYS A 12 17.15 3.82 22.35
CA CYS A 12 17.47 5.25 22.51
C CYS A 12 17.15 6.06 21.25
N SER A 13 15.96 5.81 20.74
CA SER A 13 15.55 6.35 19.46
C SER A 13 14.29 7.19 19.59
N VAL A 14 13.95 7.87 18.49
N VAL A 14 13.93 7.78 18.44
CA VAL A 14 12.78 8.73 18.48
CA VAL A 14 12.88 8.78 18.35
C VAL A 14 12.02 8.56 17.17
C VAL A 14 12.02 8.48 17.11
N PRO A 15 10.67 8.61 17.23
CA PRO A 15 9.83 8.43 16.04
C PRO A 15 9.80 9.67 15.16
N ALA A 16 9.73 9.45 13.84
CA ALA A 16 9.39 10.51 12.90
C ALA A 16 8.03 11.05 13.31
N PRO A 17 7.92 12.37 13.49
CA PRO A 17 6.60 12.95 13.77
C PRO A 17 5.54 12.67 12.69
N VAL A 18 4.28 12.74 13.08
CA VAL A 18 3.22 12.37 12.17
C VAL A 18 3.15 13.26 10.92
N HIS A 19 3.58 14.53 11.06
CA HIS A 19 3.53 15.44 9.92
C HIS A 19 4.53 15.10 8.81
N CYS A 20 5.40 14.13 9.07
CA CYS A 20 6.36 13.72 8.01
C CYS A 20 5.71 12.93 6.87
N PHE A 21 4.52 12.38 7.15
CA PHE A 21 3.91 11.32 6.27
C PHE A 21 2.68 11.78 5.50
N LYS A 22 2.50 11.20 4.31
CA LYS A 22 1.27 11.32 3.52
C LYS A 22 0.36 10.19 4.05
N GLN A 23 -0.08 10.38 5.29
CA GLN A 23 -1.03 9.47 5.95
C GLN A 23 -1.94 10.32 6.81
N SER A 24 -3.24 10.02 6.78
N SER A 24 -3.23 10.02 6.77
CA SER A 24 -4.20 10.76 7.60
CA SER A 24 -4.20 10.78 7.59
C SER A 24 -3.92 10.53 9.07
C SER A 24 -3.92 10.54 9.06
N TYR A 25 -4.15 11.56 9.89
CA TYR A 25 -3.91 11.45 11.32
C TYR A 25 -4.96 10.54 11.96
N THR A 26 -6.14 10.54 11.35
CA THR A 26 -7.22 9.60 11.65
C THR A 26 -7.30 8.61 10.48
N PRO A 27 -6.95 7.35 10.72
CA PRO A 27 -6.95 6.39 9.61
C PRO A 27 -8.30 6.26 8.93
N PRO A 28 -8.27 6.01 7.61
CA PRO A 28 -9.51 5.95 6.84
C PRO A 28 -10.31 4.69 7.20
N SER A 29 -11.62 4.76 7.14
CA SER A 29 -12.40 3.56 7.45
C SER A 29 -12.35 2.62 6.25
N ASN A 30 -12.41 1.33 6.53
CA ASN A 30 -12.29 0.33 5.49
C ASN A 30 -13.63 -0.38 5.35
N GLU A 31 -14.38 -0.06 4.30
CA GLU A 31 -15.70 -0.66 4.07
C GLU A 31 -15.71 -1.70 2.92
N PHE A 32 -14.53 -2.07 2.46
CA PHE A 32 -14.41 -3.09 1.43
C PHE A 32 -14.77 -4.45 1.98
N LYS A 33 -15.29 -5.31 1.10
CA LYS A 33 -15.48 -6.71 1.43
C LYS A 33 -14.71 -7.63 0.51
N ILE A 34 -14.37 -8.82 1.03
CA ILE A 34 -13.66 -9.79 0.22
C ILE A 34 -14.57 -10.14 -0.97
N SER A 35 -13.96 -10.27 -2.15
CA SER A 35 -14.62 -10.54 -3.46
C SER A 35 -14.99 -9.27 -4.25
N MET A 36 -15.00 -8.09 -3.60
CA MET A 36 -15.26 -6.88 -4.38
C MET A 36 -14.19 -6.72 -5.45
N LYS A 37 -14.61 -6.26 -6.63
CA LYS A 37 -13.69 -5.96 -7.71
C LYS A 37 -13.56 -4.44 -7.93
N LEU A 38 -12.39 -4.04 -8.43
CA LEU A 38 -12.07 -2.65 -8.63
C LEU A 38 -10.97 -2.56 -9.70
N GLU A 39 -10.53 -1.33 -10.00
CA GLU A 39 -9.44 -1.13 -10.95
C GLU A 39 -8.20 -0.75 -10.16
N ALA A 40 -7.06 -1.26 -10.59
CA ALA A 40 -5.80 -0.97 -9.94
C ALA A 40 -4.67 -0.92 -10.94
N GLN A 41 -3.70 -0.02 -10.74
CA GLN A 41 -2.48 -0.09 -11.56
C GLN A 41 -1.67 -1.31 -11.17
N ASP A 42 -1.23 -2.02 -12.19
CA ASP A 42 -0.48 -3.27 -12.01
C ASP A 42 0.84 -2.94 -11.30
N PRO A 43 1.08 -3.47 -10.08
CA PRO A 43 2.33 -3.13 -9.38
C PRO A 43 3.60 -3.50 -10.16
N ARG A 44 3.50 -4.41 -11.12
CA ARG A 44 4.66 -4.81 -11.91
C ARG A 44 4.76 -4.17 -13.30
N ASN A 45 3.83 -3.27 -13.61
CA ASN A 45 3.73 -2.63 -14.91
C ASN A 45 2.76 -1.47 -14.71
N THR A 46 3.24 -0.45 -14.00
CA THR A 46 2.37 0.53 -13.35
C THR A 46 1.67 1.47 -14.31
N THR A 47 2.04 1.37 -15.59
CA THR A 47 1.39 2.11 -16.67
C THR A 47 0.00 1.56 -17.00
N SER A 48 -0.21 0.28 -16.69
CA SER A 48 -1.42 -0.46 -17.02
C SER A 48 -2.43 -0.41 -15.88
N THR A 49 -3.70 -0.31 -16.25
CA THR A 49 -4.78 -0.45 -15.29
C THR A 49 -5.41 -1.80 -15.55
N CYS A 50 -5.58 -2.57 -14.48
CA CYS A 50 -6.13 -3.91 -14.58
C CYS A 50 -7.31 -4.07 -13.62
N ILE A 51 -8.01 -5.18 -13.72
CA ILE A 51 -9.00 -5.54 -12.69
C ILE A 51 -8.34 -6.24 -11.50
N ALA A 52 -8.71 -5.83 -10.28
CA ALA A 52 -8.21 -6.46 -9.07
C ALA A 52 -9.38 -6.86 -8.21
N THR A 53 -9.20 -7.93 -7.44
CA THR A 53 -10.20 -8.40 -6.48
C THR A 53 -9.64 -8.30 -5.07
N VAL A 54 -10.49 -7.89 -4.14
CA VAL A 54 -10.13 -7.89 -2.74
C VAL A 54 -10.13 -9.36 -2.27
N VAL A 55 -8.95 -9.84 -1.89
CA VAL A 55 -8.82 -11.25 -1.40
C VAL A 55 -8.51 -11.31 0.11
N GLY A 56 -8.25 -10.15 0.70
CA GLY A 56 -8.04 -10.02 2.14
C GLY A 56 -8.11 -8.57 2.57
N LEU A 57 -8.19 -8.37 3.88
CA LEU A 57 -8.31 -7.04 4.46
C LEU A 57 -7.45 -7.07 5.69
N THR A 58 -6.67 -6.01 5.92
CA THR A 58 -5.91 -5.89 7.16
C THR A 58 -5.87 -4.42 7.45
N GLY A 59 -6.57 -4.02 8.51
CA GLY A 59 -6.65 -2.63 8.93
C GLY A 59 -7.22 -1.69 7.87
N ALA A 60 -6.40 -0.73 7.48
CA ALA A 60 -6.75 0.25 6.47
C ALA A 60 -6.33 -0.20 5.07
N ARG A 61 -5.90 -1.46 4.94
CA ARG A 61 -5.34 -1.96 3.69
C ARG A 61 -6.14 -3.09 3.07
N LEU A 62 -6.06 -3.18 1.75
CA LEU A 62 -6.62 -4.29 0.99
C LEU A 62 -5.56 -5.19 0.43
N ARG A 63 -5.71 -6.50 0.63
CA ARG A 63 -4.91 -7.48 -0.08
C ARG A 63 -5.58 -7.71 -1.44
N LEU A 64 -4.87 -7.38 -2.52
CA LEU A 64 -5.41 -7.42 -3.87
C LEU A 64 -4.73 -8.44 -4.76
N ARG A 65 -5.51 -9.03 -5.66
CA ARG A 65 -4.97 -9.95 -6.67
C ARG A 65 -5.50 -9.51 -8.03
N LEU A 66 -4.60 -9.41 -9.01
CA LEU A 66 -5.01 -9.08 -10.38
C LEU A 66 -5.68 -10.29 -11.04
N ASP A 67 -6.96 -10.13 -11.34
CA ASP A 67 -7.71 -11.19 -12.00
C ASP A 67 -6.99 -11.68 -13.26
N GLY A 68 -6.85 -12.99 -13.40
CA GLY A 68 -6.24 -13.58 -14.58
C GLY A 68 -4.78 -13.93 -14.37
N SER A 69 -4.23 -13.55 -13.22
CA SER A 69 -2.87 -13.93 -12.87
C SER A 69 -2.88 -14.92 -11.69
N ASP A 70 -1.72 -15.48 -11.35
CA ASP A 70 -1.65 -16.45 -10.25
C ASP A 70 -1.73 -15.78 -8.86
N ASN A 71 -1.56 -16.58 -7.82
CA ASN A 71 -1.60 -16.06 -6.44
C ASN A 71 -0.23 -15.66 -5.87
N LYS A 72 0.78 -15.52 -6.71
CA LYS A 72 2.16 -15.34 -6.21
C LYS A 72 2.62 -13.89 -6.16
N ASN A 73 1.80 -13.00 -6.70
CA ASN A 73 2.12 -11.58 -6.70
C ASN A 73 0.99 -10.72 -6.12
N ASP A 74 0.39 -11.13 -4.99
CA ASP A 74 -0.63 -10.27 -4.35
C ASP A 74 0.04 -8.99 -3.83
N PHE A 75 -0.69 -7.89 -3.88
CA PHE A 75 -0.16 -6.59 -3.48
C PHE A 75 -1.16 -5.96 -2.54
N TRP A 76 -0.68 -5.04 -1.71
N TRP A 76 -0.69 -4.97 -1.81
CA TRP A 76 -1.53 -4.41 -0.72
CA TRP A 76 -1.44 -4.37 -0.73
C TRP A 76 -1.62 -2.92 -0.97
C TRP A 76 -1.60 -2.87 -0.94
N ARG A 77 -2.84 -2.39 -0.86
CA ARG A 77 -3.11 -0.96 -1.06
C ARG A 77 -4.01 -0.42 0.05
N LEU A 78 -3.68 0.79 0.52
CA LEU A 78 -4.53 1.53 1.44
C LEU A 78 -5.86 1.85 0.80
N VAL A 79 -6.92 1.92 1.61
CA VAL A 79 -8.25 2.25 1.09
C VAL A 79 -8.32 3.69 0.60
N ASP A 80 -7.31 4.52 0.96
CA ASP A 80 -7.23 5.91 0.48
C ASP A 80 -6.08 6.07 -0.55
N SER A 81 -5.63 4.96 -1.13
CA SER A 81 -4.60 4.96 -2.17
C SER A 81 -5.17 5.45 -3.51
N ALA A 82 -4.49 6.40 -4.16
CA ALA A 82 -4.85 6.79 -5.52
C ALA A 82 -4.60 5.70 -6.58
N GLU A 83 -3.90 4.62 -6.21
CA GLU A 83 -3.55 3.55 -7.15
C GLU A 83 -4.65 2.49 -7.32
N ILE A 84 -5.77 2.71 -6.67
CA ILE A 84 -6.99 1.93 -6.89
C ILE A 84 -8.11 2.88 -7.28
N GLN A 85 -9.00 2.41 -8.16
CA GLN A 85 -10.16 3.21 -8.60
C GLN A 85 -11.40 2.28 -8.73
N PRO A 86 -12.60 2.86 -8.76
CA PRO A 86 -13.79 2.03 -8.99
C PRO A 86 -13.84 1.50 -10.43
N ILE A 87 -14.48 0.35 -10.62
N ILE A 87 -14.47 0.33 -10.60
CA ILE A 87 -14.75 -0.18 -11.94
CA ILE A 87 -14.79 -0.16 -11.92
C ILE A 87 -15.51 0.89 -12.73
C ILE A 87 -15.43 1.00 -12.69
N GLY A 88 -15.05 1.15 -13.95
CA GLY A 88 -15.68 2.14 -14.82
C GLY A 88 -14.87 3.40 -14.96
N ASN A 89 -13.98 3.64 -14.00
CA ASN A 89 -13.18 4.86 -13.98
C ASN A 89 -12.32 5.04 -15.25
N CYS A 90 -11.65 3.98 -15.65
CA CYS A 90 -10.75 4.02 -16.80
C CYS A 90 -11.51 4.37 -18.09
N GLU A 91 -12.54 3.58 -18.40
CA GLU A 91 -13.35 3.80 -19.60
C GLU A 91 -14.11 5.13 -19.61
N LYS A 92 -14.56 5.59 -18.43
CA LYS A 92 -15.25 6.88 -18.33
C LYS A 92 -14.32 7.99 -18.85
N ASN A 93 -13.03 7.82 -18.59
CA ASN A 93 -12.04 8.83 -18.94
C ASN A 93 -11.36 8.59 -20.30
N GLY A 94 -11.95 7.66 -21.06
CA GLY A 94 -11.54 7.39 -22.44
C GLY A 94 -10.38 6.42 -22.55
N GLY A 95 -10.11 5.69 -21.47
CA GLY A 95 -9.03 4.72 -21.45
C GLY A 95 -9.48 3.30 -21.73
N MET A 96 -8.51 2.38 -21.73
CA MET A 96 -8.79 0.95 -21.84
C MET A 96 -8.00 0.20 -20.78
N LEU A 97 -8.67 -0.74 -20.11
CA LEU A 97 -7.97 -1.65 -19.19
C LEU A 97 -7.03 -2.57 -19.96
N GLN A 98 -5.99 -3.03 -19.27
CA GLN A 98 -4.96 -3.86 -19.87
C GLN A 98 -4.81 -5.16 -19.10
N PRO A 99 -4.38 -6.25 -19.77
CA PRO A 99 -4.15 -7.50 -19.04
C PRO A 99 -3.03 -7.36 -18.01
N PRO A 100 -3.10 -8.14 -16.90
CA PRO A 100 -2.03 -8.04 -15.91
C PRO A 100 -0.75 -8.68 -16.45
N LEU A 101 0.41 -8.19 -16.00
CA LEU A 101 1.64 -8.94 -16.24
C LEU A 101 1.45 -10.35 -15.67
N GLY A 102 1.81 -11.36 -16.43
CA GLY A 102 1.54 -12.74 -16.00
C GLY A 102 0.10 -13.20 -16.16
N PHE A 103 -0.67 -12.50 -16.99
CA PHE A 103 -1.98 -12.97 -17.44
C PHE A 103 -1.84 -14.39 -17.97
N ARG A 104 -2.70 -15.30 -17.47
CA ARG A 104 -2.52 -16.74 -17.72
C ARG A 104 -2.96 -17.17 -19.13
N LEU A 105 -3.75 -16.34 -19.78
CA LEU A 105 -4.17 -16.57 -21.17
C LEU A 105 -3.33 -15.72 -22.15
N ASN A 106 -3.57 -15.89 -23.43
CA ASN A 106 -2.97 -15.01 -24.45
C ASN A 106 -3.63 -13.63 -24.49
N ALA A 107 -2.90 -12.65 -25.04
CA ALA A 107 -3.39 -11.28 -25.18
C ALA A 107 -4.75 -11.18 -25.86
N SER A 108 -4.97 -11.97 -26.92
CA SER A 108 -6.23 -11.96 -27.68
C SER A 108 -7.43 -12.36 -26.84
N SER A 109 -7.19 -13.12 -25.78
CA SER A 109 -8.25 -13.55 -24.87
C SER A 109 -8.59 -12.54 -23.77
N TRP A 110 -7.75 -11.50 -23.57
CA TRP A 110 -8.05 -10.50 -22.51
C TRP A 110 -9.45 -9.85 -22.60
N PRO A 111 -9.84 -9.31 -23.79
CA PRO A 111 -11.18 -8.69 -23.79
C PRO A 111 -12.33 -9.62 -23.35
N MET A 112 -12.33 -10.90 -23.80
CA MET A 112 -13.33 -11.93 -23.35
C MET A 112 -13.23 -12.09 -21.84
N PHE A 113 -12.00 -12.22 -21.37
CA PHE A 113 -11.75 -12.47 -19.96
C PHE A 113 -12.30 -11.33 -19.11
N LEU A 114 -12.06 -10.09 -19.54
CA LEU A 114 -12.52 -8.92 -18.80
C LEU A 114 -14.06 -8.92 -18.71
N LEU A 115 -14.73 -9.11 -19.85
CA LEU A 115 -16.20 -9.17 -19.89
C LEU A 115 -16.75 -10.23 -18.94
N LYS A 116 -16.23 -11.46 -19.04
CA LYS A 116 -16.82 -12.55 -18.24
C LYS A 116 -16.47 -12.38 -16.76
N THR A 117 -15.29 -11.81 -16.49
CA THR A 117 -14.92 -11.55 -15.09
C THR A 117 -15.88 -10.54 -14.42
N LEU A 118 -16.20 -9.48 -15.15
CA LEU A 118 -17.07 -8.44 -14.59
C LEU A 118 -18.54 -8.80 -14.53
N ASN A 119 -19.00 -9.67 -15.42
CA ASN A 119 -20.43 -10.02 -15.42
C ASN A 119 -20.77 -10.82 -14.18
N GLY A 120 -21.68 -10.29 -13.36
CA GLY A 120 -22.05 -10.94 -12.10
C GLY A 120 -21.08 -10.67 -10.96
N ALA A 121 -20.08 -9.82 -11.20
CA ALA A 121 -19.12 -9.45 -10.14
C ALA A 121 -19.76 -8.44 -9.18
N GLU A 122 -19.39 -8.49 -7.90
CA GLU A 122 -19.69 -7.38 -6.99
C GLU A 122 -18.64 -6.29 -7.19
N MET A 123 -19.06 -5.16 -7.76
CA MET A 123 -18.16 -4.01 -7.89
C MET A 123 -18.07 -3.29 -6.56
N ALA A 124 -16.86 -2.96 -6.15
CA ALA A 124 -16.76 -2.07 -4.99
C ALA A 124 -17.50 -0.77 -5.32
N PRO A 125 -18.32 -0.26 -4.39
CA PRO A 125 -19.05 0.99 -4.62
C PRO A 125 -18.09 2.15 -4.76
N ILE A 126 -18.47 3.11 -5.60
CA ILE A 126 -17.63 4.31 -5.83
C ILE A 126 -17.35 5.03 -4.49
N ARG A 127 -18.36 5.07 -3.63
CA ARG A 127 -18.33 5.88 -2.39
C ARG A 127 -17.29 5.45 -1.36
N ILE A 128 -16.86 4.18 -1.41
CA ILE A 128 -15.90 3.70 -0.40
C ILE A 128 -14.41 3.92 -0.73
N PHE A 129 -14.14 4.53 -1.88
CA PHE A 129 -12.77 4.93 -2.22
C PHE A 129 -12.52 6.30 -1.62
N HIS A 130 -11.51 6.38 -0.75
CA HIS A 130 -11.25 7.61 0.03
C HIS A 130 -10.21 8.43 -0.75
N LYS A 131 -10.39 9.75 -0.74
CA LYS A 131 -9.39 10.65 -1.26
C LYS A 131 -8.06 10.50 -0.49
N GLU A 132 -6.94 10.70 -1.16
CA GLU A 132 -5.66 10.59 -0.46
C GLU A 132 -5.49 11.68 0.59
N PRO A 133 -4.72 11.41 1.65
CA PRO A 133 -4.44 12.50 2.59
C PRO A 133 -3.49 13.51 1.93
N PRO A 134 -3.44 14.74 2.46
CA PRO A 134 -2.53 15.73 1.92
C PRO A 134 -1.06 15.34 2.05
N SER A 135 -0.27 15.73 1.06
CA SER A 135 1.16 15.53 1.20
C SER A 135 1.78 16.55 2.14
N PRO A 136 2.84 16.13 2.87
CA PRO A 136 3.65 17.13 3.62
C PRO A 136 4.25 18.14 2.61
N SER A 137 4.53 19.35 3.08
CA SER A 137 5.03 20.44 2.20
C SER A 137 6.43 20.15 1.68
N HIS A 138 7.16 19.30 2.42
CA HIS A 138 8.56 19.03 2.08
C HIS A 138 9.02 17.82 2.87
N ASN A 139 10.27 17.46 2.68
CA ASN A 139 10.85 16.28 3.35
C ASN A 139 11.21 16.64 4.79
N PHE A 140 10.32 16.27 5.74
CA PHE A 140 10.59 16.48 7.19
C PHE A 140 11.51 15.42 7.83
N PHE A 141 11.72 14.32 7.12
CA PHE A 141 12.48 13.18 7.71
C PHE A 141 13.93 13.51 8.02
N LYS A 142 14.44 12.89 9.08
CA LYS A 142 15.84 13.07 9.49
C LYS A 142 16.45 11.72 9.72
N MET A 143 17.74 11.63 9.36
CA MET A 143 18.47 10.38 9.50
C MET A 143 18.36 9.85 10.94
N GLY A 144 17.99 8.58 11.06
CA GLY A 144 17.87 7.92 12.36
C GLY A 144 16.49 7.86 12.97
N MET A 145 15.55 8.68 12.45
CA MET A 145 14.17 8.66 12.97
C MET A 145 13.53 7.29 12.68
N LYS A 146 12.67 6.81 13.56
CA LYS A 146 12.00 5.51 13.38
C LYS A 146 10.58 5.69 12.82
N LEU A 147 10.10 4.64 12.15
CA LEU A 147 8.83 4.69 11.45
C LEU A 147 8.41 3.21 11.24
N GLU A 148 7.26 3.04 10.60
CA GLU A 148 6.78 1.75 10.14
C GLU A 148 6.83 1.74 8.61
N ALA A 149 7.23 0.63 8.00
CA ALA A 149 7.27 0.55 6.54
C ALA A 149 6.78 -0.80 6.08
N VAL A 150 6.07 -0.81 4.96
CA VAL A 150 5.59 -2.09 4.43
C VAL A 150 6.76 -3.04 4.22
N ASP A 151 6.60 -4.28 4.69
CA ASP A 151 7.58 -5.36 4.57
C ASP A 151 7.74 -5.67 3.10
N ARG A 152 8.92 -5.40 2.60
CA ARG A 152 9.12 -5.46 1.16
C ARG A 152 9.25 -6.89 0.61
N LYS A 153 9.55 -7.84 1.49
CA LYS A 153 9.62 -9.24 1.05
C LYS A 153 8.24 -9.90 1.10
N ASN A 154 7.39 -9.41 2.00
CA ASN A 154 6.05 -9.92 2.20
C ASN A 154 5.13 -8.79 2.71
N PRO A 155 4.45 -8.07 1.78
CA PRO A 155 3.71 -6.86 2.20
C PRO A 155 2.50 -7.11 3.11
N HIS A 156 2.20 -8.38 3.40
CA HIS A 156 1.27 -8.70 4.48
C HIS A 156 1.66 -8.00 5.78
N PHE A 157 2.96 -7.89 6.01
CA PHE A 157 3.48 -7.28 7.23
C PHE A 157 3.97 -5.86 7.05
N ILE A 158 3.96 -5.14 8.16
CA ILE A 158 4.56 -3.81 8.25
C ILE A 158 5.63 -3.92 9.36
N CYS A 159 6.78 -3.26 9.17
CA CYS A 159 7.95 -3.53 10.00
C CYS A 159 8.52 -2.22 10.59
N PRO A 160 9.08 -2.27 11.82
CA PRO A 160 9.86 -1.12 12.29
C PRO A 160 11.04 -0.85 11.36
N ALA A 161 11.23 0.42 11.04
CA ALA A 161 12.23 0.84 10.10
C ALA A 161 12.87 2.14 10.58
N THR A 162 13.97 2.51 9.94
CA THR A 162 14.71 3.70 10.34
C THR A 162 15.09 4.43 9.10
N ILE A 163 15.09 5.78 9.16
CA ILE A 163 15.59 6.57 8.05
C ILE A 163 17.10 6.48 8.00
N GLY A 164 17.63 5.98 6.89
CA GLY A 164 19.07 5.72 6.76
C GLY A 164 19.84 6.91 6.22
N GLU A 165 19.18 7.67 5.35
CA GLU A 165 19.77 8.80 4.67
C GLU A 165 18.62 9.65 4.12
N VAL A 166 18.84 10.96 4.02
CA VAL A 166 17.90 11.86 3.35
C VAL A 166 18.65 12.48 2.15
N ARG A 167 18.03 12.46 0.97
CA ARG A 167 18.57 13.19 -0.20
C ARG A 167 17.45 13.93 -0.89
N GLY A 168 17.40 15.25 -0.74
CA GLY A 168 16.37 16.07 -1.35
C GLY A 168 15.00 15.57 -0.91
N SER A 169 14.17 15.18 -1.86
CA SER A 169 12.82 14.66 -1.54
C SER A 169 12.77 13.16 -1.17
N GLU A 170 13.94 12.51 -1.20
CA GLU A 170 14.03 11.05 -1.04
C GLU A 170 14.55 10.65 0.33
N VAL A 171 14.14 9.47 0.79
CA VAL A 171 14.68 8.88 2.01
C VAL A 171 15.05 7.43 1.75
N LEU A 172 16.09 6.99 2.42
CA LEU A 172 16.49 5.58 2.37
C LEU A 172 15.83 4.90 3.54
N VAL A 173 14.94 3.97 3.25
CA VAL A 173 14.26 3.22 4.29
C VAL A 173 15.09 1.97 4.59
N THR A 174 15.38 1.76 5.87
CA THR A 174 16.13 0.59 6.32
C THR A 174 15.30 -0.18 7.33
N PHE A 175 15.27 -1.50 7.22
CA PHE A 175 14.46 -2.33 8.09
C PHE A 175 15.29 -2.79 9.28
N ASP A 176 14.79 -2.48 10.48
CA ASP A 176 15.48 -2.78 11.73
C ASP A 176 15.71 -4.30 11.88
N GLY A 177 16.96 -4.69 12.15
CA GLY A 177 17.34 -6.08 12.31
C GLY A 177 17.70 -6.80 11.01
N TRP A 178 17.48 -6.16 9.86
CA TRP A 178 17.70 -6.83 8.58
C TRP A 178 19.13 -6.64 8.02
N ARG A 179 19.97 -5.92 8.76
CA ARG A 179 21.38 -5.70 8.40
C ARG A 179 21.58 -5.18 6.98
N GLY A 180 20.74 -4.24 6.53
CA GLY A 180 20.88 -3.67 5.20
C GLY A 180 20.04 -4.32 4.12
N ALA A 181 19.61 -5.55 4.35
CA ALA A 181 18.77 -6.27 3.39
C ALA A 181 17.47 -5.52 3.09
N PHE A 182 17.16 -5.43 1.79
CA PHE A 182 15.95 -4.76 1.31
C PHE A 182 15.90 -3.25 1.60
N ASP A 183 17.03 -2.63 1.94
CA ASP A 183 17.12 -1.15 1.97
C ASP A 183 16.58 -0.66 0.65
N TYR A 184 15.81 0.43 0.68
CA TYR A 184 15.32 1.01 -0.57
C TYR A 184 15.02 2.48 -0.43
N TRP A 185 15.08 3.19 -1.55
CA TRP A 185 14.77 4.62 -1.56
C TRP A 185 13.31 4.84 -1.92
N CYS A 186 12.68 5.80 -1.26
CA CYS A 186 11.35 6.25 -1.65
C CYS A 186 11.20 7.76 -1.45
N ARG A 187 10.19 8.36 -2.06
CA ARG A 187 9.96 9.80 -1.85
C ARG A 187 9.27 10.01 -0.53
N PHE A 188 9.39 11.21 0.06
CA PHE A 188 8.81 11.41 1.41
C PHE A 188 7.29 11.26 1.46
N ASP A 189 6.64 11.40 0.29
CA ASP A 189 5.17 11.28 0.18
C ASP A 189 4.70 9.81 -0.09
N SER A 190 5.62 8.84 -0.01
CA SER A 190 5.27 7.42 -0.22
C SER A 190 4.10 6.98 0.68
N ARG A 191 3.21 6.15 0.14
CA ARG A 191 2.10 5.61 0.96
C ARG A 191 2.47 4.31 1.67
N ASP A 192 3.71 3.85 1.45
CA ASP A 192 4.23 2.61 2.09
C ASP A 192 4.96 2.80 3.42
N ILE A 193 4.98 4.04 3.92
CA ILE A 193 5.59 4.36 5.21
C ILE A 193 4.54 5.06 6.09
N PHE A 194 4.63 4.80 7.39
CA PHE A 194 3.64 5.23 8.38
C PHE A 194 4.33 5.64 9.67
N PRO A 195 3.68 6.52 10.43
CA PRO A 195 4.23 6.88 11.75
C PRO A 195 4.22 5.67 12.68
N VAL A 196 5.13 5.68 13.65
N VAL A 196 5.13 5.68 13.65
CA VAL A 196 5.14 4.64 14.68
CA VAL A 196 5.16 4.69 14.73
C VAL A 196 3.73 4.52 15.27
C VAL A 196 3.75 4.52 15.33
N GLY A 197 3.29 3.28 15.49
CA GLY A 197 1.95 3.00 16.05
C GLY A 197 0.79 2.90 15.09
N TRP A 198 1.04 3.09 13.81
N TRP A 198 1.04 3.11 13.79
CA TRP A 198 -0.02 3.04 12.81
CA TRP A 198 0.00 2.99 12.76
C TRP A 198 -0.62 1.62 12.66
C TRP A 198 -0.65 1.61 12.80
N CYS A 199 0.20 0.58 12.83
CA CYS A 199 -0.32 -0.81 12.82
C CYS A 199 -1.30 -1.07 13.95
N SER A 200 -0.93 -0.64 15.15
CA SER A 200 -1.84 -0.89 16.28
C SER A 200 -3.06 0.01 16.22
N LEU A 201 -2.89 1.22 15.71
CA LEU A 201 -4.01 2.14 15.48
C LEU A 201 -5.06 1.56 14.50
N THR A 202 -4.58 0.93 13.43
CA THR A 202 -5.47 0.52 12.34
C THR A 202 -5.81 -0.97 12.35
N GLY A 203 -5.11 -1.76 13.15
CA GLY A 203 -5.37 -3.19 13.25
C GLY A 203 -4.62 -4.02 12.24
N ASP A 204 -3.49 -3.49 11.78
CA ASP A 204 -2.64 -4.12 10.76
C ASP A 204 -1.61 -5.06 11.39
N ASN A 205 -0.79 -5.67 10.55
CA ASN A 205 0.16 -6.71 10.96
C ASN A 205 1.59 -6.19 11.16
N LEU A 206 1.93 -5.87 12.40
CA LEU A 206 3.28 -5.42 12.71
C LEU A 206 4.21 -6.60 13.02
N GLN A 207 5.26 -6.72 12.22
CA GLN A 207 6.28 -7.76 12.36
C GLN A 207 7.45 -7.21 13.21
N PRO A 208 7.63 -7.74 14.45
CA PRO A 208 8.72 -7.29 15.33
C PRO A 208 10.10 -7.52 14.68
N PRO A 209 11.12 -6.71 15.03
CA PRO A 209 12.46 -6.81 14.42
C PRO A 209 13.06 -8.21 14.47
#